data_5K08
#
_entry.id   5K08
#
_cell.length_a   57.687
_cell.length_b   63.930
_cell.length_c   37.307
_cell.angle_alpha   90.000
_cell.angle_beta   90.000
_cell.angle_gamma   90.000
#
_symmetry.space_group_name_H-M   'P 21 21 2'
#
loop_
_entity.id
_entity.type
_entity.pdbx_description
1 polymer 'RecA mini intein'
2 non-polymer Trichloro(ethene)platinate(II)
3 non-polymer 'SULFATE ION'
4 non-polymer "3,3',3''-phosphanetriyltripropanoic acid"
5 water water
#
_entity_poly.entity_id   1
_entity_poly.type   'polypeptide(L)'
_entity_poly.pdbx_seq_one_letter_code
;CLAEGTRIFDPVTGTTHRIEDVVDGRKPIHVVAAAKDGTLHARPVVSWFDQGTRDVIGLRIAGGAILWATPDHKVLTEYG
WRAAGELRKGDRVAVRDVETGELRYSVIREVLPTRRARTFDLEVEELHTLVAEGVVVHACSP
;
_entity_poly.pdbx_strand_id   A
#
# COMPACT_ATOMS: atom_id res chain seq x y z
N CYS A 1 0.02 -8.37 -4.75
CA CYS A 1 0.18 -7.20 -5.60
C CYS A 1 -0.98 -6.17 -5.49
N LEU A 2 -0.80 -4.96 -6.04
CA LEU A 2 -1.71 -3.83 -5.84
C LEU A 2 -2.43 -3.46 -7.13
N ALA A 3 -3.67 -3.02 -7.02
CA ALA A 3 -4.47 -2.78 -8.22
C ALA A 3 -4.06 -1.50 -8.93
N GLU A 4 -4.24 -1.51 -10.25
CA GLU A 4 -4.27 -0.29 -11.04
C GLU A 4 -5.09 0.77 -10.31
N GLY A 5 -4.58 2.00 -10.32
CA GLY A 5 -5.22 3.10 -9.64
C GLY A 5 -4.73 3.32 -8.23
N THR A 6 -4.01 2.37 -7.64
CA THR A 6 -3.47 2.58 -6.30
C THR A 6 -2.57 3.81 -6.27
N ARG A 7 -2.87 4.73 -5.35
CA ARG A 7 -2.16 6.00 -5.26
C ARG A 7 -0.98 5.86 -4.32
N ILE A 8 0.19 6.29 -4.77
CA ILE A 8 1.43 6.19 -4.02
C ILE A 8 2.01 7.59 -3.89
N PHE A 9 2.13 8.07 -2.65
CA PHE A 9 2.66 9.40 -2.39
C PHE A 9 4.19 9.38 -2.34
N ASP A 10 4.82 10.28 -3.10
CA ASP A 10 6.28 10.47 -3.04
C ASP A 10 6.57 11.60 -2.08
N PRO A 11 7.14 11.33 -0.90
CA PRO A 11 7.34 12.40 0.10
C PRO A 11 8.44 13.38 -0.27
N VAL A 12 9.32 13.03 -1.21
CA VAL A 12 10.41 13.92 -1.59
C VAL A 12 9.90 15.03 -2.51
N THR A 13 9.10 14.65 -3.50
CA THR A 13 8.55 15.62 -4.45
C THR A 13 7.18 16.13 -4.04
N GLY A 14 6.49 15.42 -3.15
CA GLY A 14 5.10 15.75 -2.82
C GLY A 14 4.09 15.36 -3.88
N THR A 15 4.50 14.59 -4.88
CA THR A 15 3.62 14.17 -5.96
C THR A 15 2.98 12.82 -5.61
N THR A 16 1.70 12.68 -5.90
CA THR A 16 1.02 11.39 -5.78
C THR A 16 0.91 10.76 -7.16
N HIS A 17 1.29 9.50 -7.25
CA HIS A 17 1.31 8.79 -8.53
C HIS A 17 0.35 7.60 -8.51
N ARG A 18 -0.20 7.26 -9.67
CA ARG A 18 -0.90 5.99 -9.82
C ARG A 18 0.14 4.91 -10.11
N ILE A 19 0.01 3.77 -9.44
CA ILE A 19 1.06 2.75 -9.47
C ILE A 19 1.32 2.27 -10.92
N GLU A 20 0.29 2.19 -11.75
CA GLU A 20 0.50 1.70 -13.11
C GLU A 20 1.36 2.66 -13.90
N ASP A 21 1.26 3.97 -13.63
CA ASP A 21 2.14 4.93 -14.30
C ASP A 21 3.58 4.81 -13.81
N VAL A 22 3.77 4.54 -12.51
CA VAL A 22 5.12 4.34 -11.97
C VAL A 22 5.77 3.14 -12.66
N VAL A 23 5.03 2.04 -12.78
CA VAL A 23 5.59 0.83 -13.39
C VAL A 23 5.78 1.02 -14.89
N ASP A 24 4.75 1.50 -15.58
CA ASP A 24 4.82 1.59 -17.04
C ASP A 24 5.94 2.52 -17.49
N GLY A 25 6.24 3.55 -16.70
CA GLY A 25 7.30 4.48 -17.02
C GLY A 25 8.59 4.26 -16.28
N ARG A 26 8.68 3.20 -15.48
CA ARG A 26 9.85 2.92 -14.62
C ARG A 26 10.33 4.18 -13.94
N LYS A 27 9.39 4.83 -13.23
CA LYS A 27 9.67 6.14 -12.68
C LYS A 27 10.49 6.02 -11.40
N PRO A 28 11.54 6.73 -11.30
CA PRO A 28 12.41 6.63 -10.10
C PRO A 28 11.89 7.44 -8.92
N ILE A 29 10.70 7.10 -8.45
CA ILE A 29 10.09 7.83 -7.35
C ILE A 29 10.64 7.35 -6.01
N HIS A 30 10.40 8.17 -4.98
CA HIS A 30 10.48 7.71 -3.60
C HIS A 30 9.08 7.46 -3.09
N VAL A 31 9.00 6.63 -2.06
CA VAL A 31 7.77 6.36 -1.35
C VAL A 31 8.01 6.63 0.12
N VAL A 32 6.92 6.60 0.88
CA VAL A 32 7.01 6.55 2.33
C VAL A 32 7.07 5.09 2.73
N ALA A 33 8.09 4.73 3.47
CA ALA A 33 8.29 3.38 3.95
C ALA A 33 8.30 3.40 5.47
N ALA A 34 7.86 2.30 6.06
CA ALA A 34 7.88 2.14 7.51
C ALA A 34 9.05 1.28 7.97
N ALA A 35 9.70 1.73 9.04
CA ALA A 35 10.66 0.90 9.76
C ALA A 35 9.95 0.16 10.89
N LYS A 36 10.65 -0.82 11.48
CA LYS A 36 10.02 -1.71 12.46
C LYS A 36 9.57 -1.01 13.73
N ASP A 37 10.14 0.14 14.06
CA ASP A 37 9.73 0.89 15.24
C ASP A 37 8.58 1.86 14.97
N GLY A 38 7.95 1.77 13.81
CA GLY A 38 6.87 2.65 13.46
C GLY A 38 7.27 4.01 12.91
N THR A 39 8.56 4.31 12.80
CA THR A 39 8.93 5.56 12.15
C THR A 39 8.80 5.43 10.64
N LEU A 40 8.47 6.53 10.00
CA LEU A 40 8.31 6.59 8.55
C LEU A 40 9.45 7.36 7.90
N HIS A 41 9.83 6.93 6.70
CA HIS A 41 11.01 7.46 6.01
C HIS A 41 10.81 7.41 4.50
N ALA A 42 11.49 8.27 3.79
CA ALA A 42 11.50 8.24 2.33
C ALA A 42 12.51 7.22 1.82
N ARG A 43 12.06 6.34 0.91
CA ARG A 43 12.97 5.36 0.33
C ARG A 43 12.67 5.20 -1.16
N PRO A 44 13.69 4.94 -1.98
CA PRO A 44 13.45 4.85 -3.42
C PRO A 44 12.92 3.49 -3.85
N VAL A 45 12.08 3.55 -4.88
CA VAL A 45 11.69 2.35 -5.62
C VAL A 45 12.89 1.86 -6.42
N VAL A 46 13.16 0.57 -6.35
CA VAL A 46 14.29 -0.02 -7.06
C VAL A 46 13.89 -1.05 -8.10
N SER A 47 12.65 -1.54 -8.09
CA SER A 47 12.16 -2.48 -9.09
C SER A 47 10.68 -2.22 -9.32
N TRP A 48 10.24 -2.51 -10.54
CA TRP A 48 8.89 -2.22 -11.02
C TRP A 48 8.31 -3.50 -11.62
N PHE A 49 7.15 -3.92 -11.13
CA PHE A 49 6.58 -5.19 -11.57
C PHE A 49 5.18 -5.00 -12.13
N ASP A 50 4.96 -5.54 -13.30
CA ASP A 50 3.63 -5.70 -13.88
C ASP A 50 3.20 -7.14 -13.61
N GLN A 51 2.18 -7.30 -12.77
CA GLN A 51 1.83 -8.63 -12.28
C GLN A 51 0.61 -9.23 -12.96
N GLY A 52 0.11 -8.58 -14.02
CA GLY A 52 -1.01 -9.14 -14.77
C GLY A 52 -2.36 -8.85 -14.16
N THR A 53 -3.39 -9.45 -14.77
CA THR A 53 -4.76 -9.25 -14.30
C THR A 53 -5.10 -10.31 -13.28
N ARG A 54 -5.65 -9.88 -12.16
CA ARG A 54 -5.90 -10.73 -11.02
C ARG A 54 -7.14 -10.21 -10.31
N ASP A 55 -7.72 -11.07 -9.47
CA ASP A 55 -8.72 -10.64 -8.52
C ASP A 55 -8.08 -9.73 -7.46
N VAL A 56 -8.73 -8.61 -7.16
CA VAL A 56 -8.34 -7.78 -6.02
C VAL A 56 -9.57 -7.57 -5.14
N ILE A 57 -9.34 -7.54 -3.84
CA ILE A 57 -10.36 -7.21 -2.86
C ILE A 57 -10.14 -5.79 -2.38
N GLY A 58 -11.17 -5.21 -1.77
CA GLY A 58 -11.12 -3.83 -1.32
C GLY A 58 -11.24 -3.70 0.18
N LEU A 59 -10.37 -2.87 0.77
CA LEU A 59 -10.44 -2.59 2.19
C LEU A 59 -10.75 -1.10 2.32
N ARG A 60 -11.95 -0.76 2.74
CA ARG A 60 -12.33 0.63 2.93
C ARG A 60 -11.98 1.02 4.35
N ILE A 61 -11.15 2.05 4.49
CA ILE A 61 -10.52 2.46 5.75
C ILE A 61 -11.23 3.71 6.25
N ALA A 62 -11.22 3.89 7.58
CA ALA A 62 -11.67 5.15 8.16
C ALA A 62 -10.95 6.31 7.48
N GLY A 63 -11.70 7.35 7.12
CA GLY A 63 -11.19 8.41 6.27
C GLY A 63 -11.63 8.33 4.83
N GLY A 64 -12.00 7.14 4.36
CA GLY A 64 -12.64 6.99 3.07
C GLY A 64 -11.78 6.35 2.01
N ALA A 65 -10.49 6.16 2.24
CA ALA A 65 -9.66 5.50 1.24
C ALA A 65 -10.08 4.04 1.10
N ILE A 66 -9.92 3.51 -0.10
CA ILE A 66 -10.11 2.08 -0.35
C ILE A 66 -8.82 1.55 -0.95
N LEU A 67 -8.22 0.58 -0.28
CA LEU A 67 -7.04 -0.11 -0.79
C LEU A 67 -7.50 -1.35 -1.55
N TRP A 68 -7.10 -1.46 -2.80
CA TRP A 68 -7.46 -2.61 -3.63
C TRP A 68 -6.19 -3.41 -3.84
N ALA A 69 -6.19 -4.65 -3.36
CA ALA A 69 -5.00 -5.48 -3.40
C ALA A 69 -5.41 -6.94 -3.56
N THR A 70 -4.48 -7.77 -4.05
CA THR A 70 -4.77 -9.20 -4.12
C THR A 70 -4.94 -9.75 -2.71
N PRO A 71 -5.73 -10.83 -2.54
CA PRO A 71 -5.98 -11.33 -1.18
C PRO A 71 -4.71 -11.74 -0.45
N ASP A 72 -3.66 -12.08 -1.18
CA ASP A 72 -2.40 -12.52 -0.57
C ASP A 72 -1.46 -11.38 -0.20
N HIS A 73 -1.76 -10.14 -0.60
CA HIS A 73 -0.83 -9.04 -0.36
C HIS A 73 -0.80 -8.70 1.13
N LYS A 74 0.39 -8.50 1.65
CA LYS A 74 0.56 -8.28 3.09
C LYS A 74 0.40 -6.81 3.45
N VAL A 75 -0.41 -6.57 4.49
CA VAL A 75 -0.77 -5.26 5.03
C VAL A 75 -0.29 -5.22 6.48
N LEU A 76 0.28 -4.09 6.90
CA LEU A 76 0.70 -3.95 8.29
C LEU A 76 -0.50 -3.60 9.15
N THR A 77 -0.74 -4.39 10.19
CA THR A 77 -1.91 -4.25 11.04
C THR A 77 -1.51 -4.18 12.51
N GLU A 78 -2.52 -3.94 13.34
CA GLU A 78 -2.34 -4.02 14.79
C GLU A 78 -1.82 -5.39 15.24
N TYR A 79 -2.00 -6.43 14.43
CA TYR A 79 -1.53 -7.77 14.78
C TYR A 79 -0.16 -8.09 14.21
N GLY A 80 0.42 -7.20 13.42
CA GLY A 80 1.56 -7.53 12.59
C GLY A 80 1.16 -7.63 11.14
N TRP A 81 2.02 -8.27 10.36
CA TRP A 81 1.75 -8.42 8.93
C TRP A 81 0.66 -9.46 8.72
N ARG A 82 -0.37 -9.09 7.95
CA ARG A 82 -1.47 -10.00 7.65
C ARG A 82 -1.83 -9.90 6.18
N ALA A 83 -2.22 -11.04 5.59
CA ALA A 83 -2.73 -11.03 4.23
C ALA A 83 -4.01 -10.21 4.16
N ALA A 84 -4.13 -9.39 3.11
CA ALA A 84 -5.31 -8.55 2.96
C ALA A 84 -6.59 -9.36 3.04
N GLY A 85 -6.62 -10.53 2.42
CA GLY A 85 -7.80 -11.39 2.37
C GLY A 85 -8.20 -11.99 3.70
N GLU A 86 -7.33 -11.92 4.71
CA GLU A 86 -7.67 -12.40 6.04
C GLU A 86 -8.25 -11.32 6.94
N LEU A 87 -8.26 -10.06 6.49
CA LEU A 87 -8.69 -8.95 7.33
C LEU A 87 -10.20 -8.78 7.27
N ARG A 88 -10.76 -8.29 8.38
CA ARG A 88 -12.20 -8.15 8.54
C ARG A 88 -12.52 -6.73 8.94
N LYS A 89 -13.78 -6.37 8.75
CA LYS A 89 -14.29 -5.14 9.33
C LYS A 89 -13.92 -5.09 10.80
N GLY A 90 -13.40 -3.95 11.24
CA GLY A 90 -13.02 -3.75 12.61
C GLY A 90 -11.55 -3.98 12.90
N ASP A 91 -10.83 -4.68 12.02
CA ASP A 91 -9.39 -4.79 12.19
C ASP A 91 -8.76 -3.42 11.89
N ARG A 92 -7.60 -3.18 12.49
CA ARG A 92 -6.94 -1.89 12.35
C ARG A 92 -5.64 -2.05 11.57
N VAL A 93 -5.49 -1.24 10.53
CA VAL A 93 -4.30 -1.25 9.67
C VAL A 93 -3.44 -0.03 9.99
N ALA A 94 -2.13 -0.16 9.73
CA ALA A 94 -1.21 0.96 9.92
C ALA A 94 -1.37 1.92 8.74
N VAL A 95 -1.45 3.22 9.03
CA VAL A 95 -1.64 4.25 8.03
C VAL A 95 -0.63 5.37 8.28
N ARG A 96 -0.37 6.15 7.21
CA ARG A 96 0.33 7.41 7.37
C ARG A 96 -0.71 8.49 7.57
N ASP A 97 -0.63 9.21 8.70
CA ASP A 97 -1.55 10.30 8.91
C ASP A 97 -1.26 11.41 7.91
N VAL A 98 -2.29 11.80 7.14
CA VAL A 98 -2.06 12.67 5.99
C VAL A 98 -1.70 14.09 6.40
N GLU A 99 -2.04 14.48 7.62
CA GLU A 99 -1.73 15.82 8.09
C GLU A 99 -0.40 15.88 8.84
N THR A 100 -0.07 14.84 9.60
CA THR A 100 1.15 14.84 10.40
C THR A 100 2.30 14.08 9.77
N GLY A 101 2.03 13.16 8.85
CA GLY A 101 3.07 12.35 8.25
C GLY A 101 3.62 11.26 9.13
N GLU A 102 3.02 10.99 10.28
CA GLU A 102 3.47 9.95 11.19
C GLU A 102 2.54 8.74 11.11
N LEU A 103 3.00 7.62 11.64
CA LEU A 103 2.25 6.38 11.59
C LEU A 103 1.16 6.38 12.66
N ARG A 104 -0.04 5.94 12.29
CA ARG A 104 -1.09 5.66 13.26
C ARG A 104 -1.86 4.44 12.78
N TYR A 105 -2.99 4.12 13.41
CA TYR A 105 -3.79 2.98 12.98
C TYR A 105 -5.22 3.42 12.71
N SER A 106 -5.82 2.82 11.68
CA SER A 106 -7.20 3.13 11.30
C SER A 106 -8.00 1.85 11.11
N VAL A 107 -9.27 1.92 11.48
N VAL A 107 -9.28 1.92 11.44
CA VAL A 107 -10.14 0.75 11.39
CA VAL A 107 -10.13 0.74 11.41
C VAL A 107 -10.54 0.51 9.94
C VAL A 107 -10.67 0.51 10.01
N ILE A 108 -10.73 -0.76 9.62
CA ILE A 108 -11.39 -1.14 8.36
C ILE A 108 -12.90 -0.98 8.53
N ARG A 109 -13.50 -0.11 7.72
CA ARG A 109 -14.95 0.07 7.75
C ARG A 109 -15.68 -0.98 6.93
N GLU A 110 -15.07 -1.49 5.86
CA GLU A 110 -15.81 -2.43 5.03
C GLU A 110 -14.82 -3.26 4.21
N VAL A 111 -15.13 -4.53 3.99
CA VAL A 111 -14.39 -5.38 3.06
C VAL A 111 -15.25 -5.58 1.82
N LEU A 112 -14.69 -5.32 0.68
CA LEU A 112 -15.37 -5.34 -0.59
C LEU A 112 -14.98 -6.59 -1.38
N PRO A 113 -15.98 -7.14 -2.10
CA PRO A 113 -15.76 -8.35 -2.90
C PRO A 113 -14.79 -8.12 -4.04
N THR A 114 -14.36 -9.22 -4.66
CA THR A 114 -13.32 -9.12 -5.68
C THR A 114 -13.85 -8.40 -6.91
N ARG A 115 -12.93 -7.69 -7.57
CA ARG A 115 -13.10 -7.28 -8.95
C ARG A 115 -11.80 -7.59 -9.68
N ARG A 116 -11.88 -7.70 -11.00
CA ARG A 116 -10.72 -8.02 -11.82
C ARG A 116 -9.97 -6.73 -12.13
N ALA A 117 -8.66 -6.70 -11.89
CA ALA A 117 -7.91 -5.51 -12.21
C ALA A 117 -6.51 -5.88 -12.66
N ARG A 118 -5.91 -4.99 -13.45
CA ARG A 118 -4.49 -5.07 -13.67
C ARG A 118 -3.81 -4.81 -12.33
N THR A 119 -2.71 -5.51 -12.05
CA THR A 119 -2.04 -5.40 -10.77
C THR A 119 -0.55 -5.20 -10.95
N PHE A 120 0.08 -4.69 -9.89
CA PHE A 120 1.44 -4.17 -9.97
C PHE A 120 2.10 -4.32 -8.61
N ASP A 121 3.43 -4.32 -8.60
CA ASP A 121 4.15 -4.23 -7.34
C ASP A 121 5.41 -3.41 -7.53
N LEU A 122 5.95 -2.95 -6.42
CA LEU A 122 7.21 -2.22 -6.39
C LEU A 122 8.10 -2.81 -5.32
N GLU A 123 9.40 -2.81 -5.56
CA GLU A 123 10.37 -3.15 -4.54
C GLU A 123 10.96 -1.86 -4.02
N VAL A 124 10.98 -1.70 -2.70
CA VAL A 124 11.43 -0.46 -2.06
C VAL A 124 12.72 -0.75 -1.29
N GLU A 125 13.74 0.07 -1.54
CA GLU A 125 15.08 -0.17 -0.96
C GLU A 125 15.07 -0.17 0.57
N GLU A 126 15.75 -1.16 1.13
CA GLU A 126 16.06 -1.30 2.56
C GLU A 126 14.87 -1.70 3.43
N LEU A 127 13.78 -0.96 3.35
CA LEU A 127 12.67 -1.11 4.28
C LEU A 127 11.55 -1.99 3.73
N HIS A 128 11.44 -2.15 2.42
CA HIS A 128 10.55 -3.16 1.82
C HIS A 128 9.08 -2.94 2.18
N THR A 129 8.70 -1.70 2.40
CA THR A 129 7.31 -1.32 2.65
C THR A 129 7.02 -0.04 1.89
N LEU A 130 5.73 0.22 1.66
CA LEU A 130 5.36 1.51 1.12
C LEU A 130 3.98 1.88 1.60
N VAL A 131 3.66 3.16 1.50
CA VAL A 131 2.32 3.66 1.79
C VAL A 131 1.52 3.72 0.49
N ALA A 132 0.41 2.99 0.45
CA ALA A 132 -0.47 2.88 -0.72
C ALA A 132 -1.87 3.24 -0.25
N GLU A 133 -2.48 4.25 -0.87
CA GLU A 133 -3.77 4.79 -0.40
C GLU A 133 -3.74 5.08 1.09
N GLY A 134 -2.60 5.55 1.58
CA GLY A 134 -2.43 5.87 2.99
C GLY A 134 -2.11 4.69 3.89
N VAL A 135 -2.13 3.46 3.38
CA VAL A 135 -1.98 2.26 4.20
C VAL A 135 -0.58 1.69 4.04
N VAL A 136 0.02 1.19 5.12
CA VAL A 136 1.35 0.60 5.04
C VAL A 136 1.22 -0.83 4.52
N VAL A 137 1.85 -1.11 3.37
CA VAL A 137 1.78 -2.41 2.76
C VAL A 137 3.18 -2.91 2.45
N HIS A 138 3.26 -4.19 2.15
CA HIS A 138 4.52 -4.84 1.83
C HIS A 138 4.97 -4.43 0.42
N ALA A 139 6.28 -4.20 0.25
CA ALA A 139 6.88 -3.79 -1.03
C ALA A 139 8.24 -4.48 -1.17
N CYS A 140 8.20 -5.80 -1.30
CA CYS A 140 9.34 -6.70 -1.18
C CYS A 140 9.77 -7.18 -2.56
N SER A 141 10.31 -8.40 -2.63
CA SER A 141 10.67 -9.01 -3.89
C SER A 141 10.55 -10.51 -3.68
N PRO A 142 9.73 -11.21 -4.48
CA PRO A 142 9.56 -12.66 -4.39
C PRO A 142 10.60 -13.40 -5.22
#